data_2A8S
#
_entry.id   2A8S
#
_cell.length_a   49.998
_cell.length_b   82.553
_cell.length_c   112.160
_cell.angle_alpha   90.00
_cell.angle_beta   90.00
_cell.angle_gamma   90.00
#
_symmetry.space_group_name_H-M   'P 21 21 21'
#
loop_
_entity.id
_entity.type
_entity.pdbx_description
1 polymer 'U8 snoRNA-binding protein X29'
2 non-polymer 'MANGANESE (II) ION'
3 non-polymer "GUANOSINE-5'-TRIPHOSPHATE"
4 water water
#
_entity_poly.entity_id   1
_entity_poly.type   'polypeptide(L)'
_entity_poly.pdbx_seq_one_letter_code
;MAESRSPDRGAKEDKPRPRNISREESLQLEGYKHACHALLHAPSQAKLFDRVPIRRVLLMMMRFDGRLGFPGGFVDTRDI
SLEEGLKRELEEELGPALATVEVTEDDYRSSQVREHPQK(YCM)VTHFYIKELKLEEIERIEAEAVNAKDHGLEVMGLIR
VPLYTLRDRVGGLPAFL(YCM)NNFIGNSKSQLLYALRSLKLLREDQIQEVLKASHRLQY
;
_entity_poly.pdbx_strand_id   A,B
#
# COMPACT_ATOMS: atom_id res chain seq x y z
N PRO A 18 -19.39 -14.90 -7.18
CA PRO A 18 -19.86 -13.64 -6.54
C PRO A 18 -21.19 -13.17 -7.16
N ARG A 19 -22.25 -13.18 -6.34
CA ARG A 19 -23.59 -12.78 -6.78
C ARG A 19 -24.24 -11.87 -5.74
N ASN A 20 -25.03 -10.91 -6.22
CA ASN A 20 -25.67 -9.90 -5.36
C ASN A 20 -26.83 -10.49 -4.57
N ILE A 21 -26.77 -10.35 -3.24
CA ILE A 21 -27.84 -10.80 -2.34
C ILE A 21 -28.22 -9.67 -1.39
N SER A 22 -29.46 -9.69 -0.92
CA SER A 22 -29.93 -8.71 0.06
C SER A 22 -29.53 -9.10 1.48
N ARG A 23 -29.45 -8.09 2.35
CA ARG A 23 -29.19 -8.25 3.78
C ARG A 23 -30.18 -9.20 4.45
N GLU A 24 -31.47 -8.92 4.29
CA GLU A 24 -32.52 -9.70 4.94
C GLU A 24 -32.47 -11.19 4.60
N GLU A 25 -32.04 -11.49 3.37
CA GLU A 25 -31.96 -12.88 2.88
C GLU A 25 -30.66 -13.56 3.31
N SER A 26 -29.54 -12.84 3.19
CA SER A 26 -28.21 -13.36 3.54
C SER A 26 -28.13 -13.86 4.98
N LEU A 27 -28.74 -13.09 5.90
CA LEU A 27 -28.71 -13.41 7.32
C LEU A 27 -29.48 -14.70 7.66
N GLN A 28 -30.43 -15.07 6.80
CA GLN A 28 -31.19 -16.31 6.95
C GLN A 28 -30.61 -17.48 6.15
N LEU A 29 -29.38 -17.32 5.65
CA LEU A 29 -28.67 -18.41 4.98
C LEU A 29 -28.22 -19.43 6.02
N GLU A 30 -28.10 -20.70 5.62
CA GLU A 30 -27.80 -21.77 6.56
C GLU A 30 -26.35 -22.25 6.45
N GLY A 31 -25.54 -21.82 7.42
CA GLY A 31 -24.17 -22.32 7.56
C GLY A 31 -23.06 -21.44 7.02
N TYR A 32 -23.27 -20.86 5.83
CA TYR A 32 -22.26 -20.04 5.14
C TYR A 32 -21.65 -18.95 6.04
N LYS A 33 -20.36 -18.66 5.83
CA LYS A 33 -19.63 -17.69 6.66
C LYS A 33 -19.86 -16.24 6.24
N HIS A 34 -19.96 -15.35 7.23
CA HIS A 34 -20.21 -13.93 6.97
C HIS A 34 -18.98 -13.06 7.18
N ALA A 35 -18.87 -12.00 6.38
CA ALA A 35 -17.75 -11.04 6.50
C ALA A 35 -18.22 -9.59 6.30
N CYS A 36 -17.58 -8.67 7.01
CA CYS A 36 -17.94 -7.27 6.92
C CYS A 36 -16.70 -6.41 6.65
N HIS A 37 -16.84 -5.46 5.73
CA HIS A 37 -15.77 -4.52 5.41
C HIS A 37 -16.34 -3.13 5.12
N ALA A 38 -15.56 -2.10 5.43
CA ALA A 38 -16.01 -0.71 5.39
C ALA A 38 -15.07 0.22 4.65
N LEU A 39 -15.62 1.07 3.79
CA LEU A 39 -14.86 2.16 3.21
C LEU A 39 -15.05 3.41 4.06
N LEU A 40 -13.94 3.92 4.62
CA LEU A 40 -13.97 5.15 5.41
C LEU A 40 -13.41 6.29 4.58
N HIS A 41 -14.16 7.39 4.51
CA HIS A 41 -13.77 8.49 3.63
C HIS A 41 -14.14 9.86 4.17
N ALA A 42 -13.41 10.89 3.72
CA ALA A 42 -13.66 12.27 4.14
C ALA A 42 -13.23 13.29 3.07
N PRO A 43 -14.00 14.39 2.88
CA PRO A 43 -13.71 15.36 1.81
C PRO A 43 -12.38 16.07 2.03
N SER A 44 -11.79 16.59 0.96
CA SER A 44 -10.48 17.25 1.04
C SER A 44 -10.26 18.33 -0.02
N GLN A 45 -9.73 19.46 0.45
CA GLN A 45 -9.47 20.62 -0.40
C GLN A 45 -8.06 20.58 -0.97
N ALA A 46 -7.29 19.55 -0.62
CA ALA A 46 -5.89 19.46 -1.02
C ALA A 46 -5.71 19.24 -2.53
N LYS A 47 -4.61 19.78 -3.06
CA LYS A 47 -4.27 19.60 -4.47
C LYS A 47 -2.87 19.02 -4.64
N LEU A 48 -2.79 17.95 -5.42
CA LEU A 48 -1.51 17.39 -5.82
C LEU A 48 -0.83 18.34 -6.81
N PHE A 49 0.43 18.65 -6.55
CA PHE A 49 1.20 19.60 -7.35
C PHE A 49 0.48 20.96 -7.47
N ASP A 50 -0.28 21.31 -6.44
CA ASP A 50 -1.12 22.52 -6.44
C ASP A 50 -2.04 22.59 -7.65
N ARG A 51 -2.32 21.43 -8.24
CA ARG A 51 -3.00 21.36 -9.55
C ARG A 51 -4.15 20.36 -9.56
N VAL A 52 -3.86 19.11 -9.17
CA VAL A 52 -4.83 18.02 -9.25
C VAL A 52 -5.57 17.84 -7.92
N PRO A 53 -6.90 18.13 -7.90
CA PRO A 53 -7.66 17.97 -6.66
C PRO A 53 -7.71 16.51 -6.19
N ILE A 54 -7.45 16.31 -4.90
CA ILE A 54 -7.66 15.04 -4.21
C ILE A 54 -9.15 14.72 -4.13
N ARG A 55 -9.97 15.74 -3.94
CA ARG A 55 -11.44 15.61 -3.84
C ARG A 55 -11.87 14.92 -2.55
N ARG A 56 -11.38 13.71 -2.33
CA ARG A 56 -11.82 12.91 -1.22
C ARG A 56 -10.73 11.93 -0.81
N VAL A 57 -10.63 11.70 0.50
CA VAL A 57 -9.73 10.69 1.06
C VAL A 57 -10.52 9.40 1.34
N LEU A 58 -10.10 8.30 0.71
CA LEU A 58 -10.69 6.98 0.89
C LEU A 58 -9.60 6.05 1.40
N LEU A 59 -9.90 5.27 2.45
CA LEU A 59 -8.89 4.39 3.04
C LEU A 59 -8.99 2.96 2.59
N MET A 60 -7.85 2.37 2.25
CA MET A 60 -7.71 0.94 2.06
C MET A 60 -6.42 0.50 2.77
N MET A 61 -6.08 -0.78 2.66
CA MET A 61 -4.89 -1.28 3.33
C MET A 61 -4.19 -2.33 2.51
N MET A 62 -2.88 -2.44 2.71
CA MET A 62 -2.14 -3.59 2.25
C MET A 62 -2.29 -4.65 3.33
N ARG A 63 -2.75 -5.83 2.94
CA ARG A 63 -3.00 -6.93 3.88
C ARG A 63 -1.76 -7.83 4.01
N PHE A 64 -1.77 -8.66 5.05
CA PHE A 64 -0.76 -9.69 5.26
C PHE A 64 -0.53 -10.59 4.05
N ASP A 65 -1.56 -10.77 3.22
CA ASP A 65 -1.48 -11.71 2.09
C ASP A 65 -0.95 -11.09 0.79
N GLY A 66 -0.48 -9.85 0.88
CA GLY A 66 0.10 -9.15 -0.26
C GLY A 66 -0.91 -8.48 -1.17
N ARG A 67 -2.18 -8.51 -0.74
CA ARG A 67 -3.27 -7.90 -1.53
C ARG A 67 -3.83 -6.66 -0.87
N LEU A 68 -4.44 -5.79 -1.67
CA LEU A 68 -5.15 -4.61 -1.18
C LEU A 68 -6.56 -5.00 -0.76
N GLY A 69 -7.07 -4.33 0.28
CA GLY A 69 -8.43 -4.57 0.76
C GLY A 69 -8.98 -3.46 1.64
N PHE A 70 -10.22 -3.64 2.08
CA PHE A 70 -10.84 -2.73 3.05
C PHE A 70 -10.65 -3.25 4.49
N PRO A 71 -10.65 -2.35 5.49
CA PRO A 71 -10.56 -2.88 6.87
C PRO A 71 -11.82 -3.68 7.25
N GLY A 72 -11.65 -4.66 8.12
CA GLY A 72 -12.77 -5.49 8.57
C GLY A 72 -12.46 -6.97 8.56
N GLY A 73 -13.50 -7.78 8.45
CA GLY A 73 -13.33 -9.22 8.30
C GLY A 73 -14.51 -10.10 8.69
N PHE A 74 -14.20 -11.37 8.96
CA PHE A 74 -15.21 -12.36 9.33
C PHE A 74 -16.04 -11.88 10.51
N VAL A 75 -17.35 -11.76 10.27
CA VAL A 75 -18.30 -11.34 11.30
C VAL A 75 -18.89 -12.56 11.99
N ASP A 76 -18.29 -12.90 13.13
CA ASP A 76 -18.74 -13.97 14.04
C ASP A 76 -20.28 -14.02 14.17
N THR A 77 -20.91 -14.76 13.25
CA THR A 77 -22.34 -14.54 12.94
C THR A 77 -23.34 -14.69 14.09
N ARG A 78 -23.02 -15.55 15.06
CA ARG A 78 -23.92 -15.80 16.21
C ARG A 78 -23.50 -15.05 17.48
N ASP A 79 -22.48 -14.20 17.36
CA ASP A 79 -22.05 -13.29 18.44
C ASP A 79 -23.06 -12.16 18.63
N ILE A 80 -22.65 -10.94 18.29
CA ILE A 80 -23.54 -9.80 18.27
C ILE A 80 -23.89 -9.49 16.81
N SER A 81 -24.44 -8.30 16.57
CA SER A 81 -24.89 -7.89 15.24
C SER A 81 -23.78 -7.85 14.21
N LEU A 82 -24.15 -7.80 12.92
CA LEU A 82 -23.19 -7.60 11.84
C LEU A 82 -22.42 -6.30 12.00
N GLU A 83 -23.05 -5.32 12.62
CA GLU A 83 -22.44 -4.03 12.90
C GLU A 83 -21.41 -4.14 14.01
N GLU A 84 -21.74 -4.86 15.08
CA GLU A 84 -20.85 -5.03 16.22
C GLU A 84 -19.59 -5.81 15.84
N GLY A 85 -19.77 -6.83 14.98
CA GLY A 85 -18.66 -7.63 14.47
C GLY A 85 -17.66 -6.75 13.73
N LEU A 86 -18.19 -5.94 12.81
CA LEU A 86 -17.38 -5.01 12.01
C LEU A 86 -16.66 -3.99 12.88
N LYS A 87 -17.39 -3.41 13.83
CA LYS A 87 -16.83 -2.42 14.76
C LYS A 87 -15.58 -2.97 15.46
N ARG A 88 -15.65 -4.24 15.86
CA ARG A 88 -14.56 -4.92 16.54
C ARG A 88 -13.36 -5.10 15.59
N GLU A 89 -13.61 -5.71 14.42
CA GLU A 89 -12.60 -5.85 13.39
C GLU A 89 -11.95 -4.51 13.05
N LEU A 90 -12.77 -3.46 12.97
CA LEU A 90 -12.29 -2.11 12.68
C LEU A 90 -11.29 -1.60 13.70
N GLU A 91 -11.57 -1.83 14.98
CA GLU A 91 -10.66 -1.44 16.07
C GLU A 91 -9.45 -2.37 16.10
N GLU A 92 -9.68 -3.64 15.80
CA GLU A 92 -8.63 -4.64 15.77
C GLU A 92 -7.62 -4.28 14.68
N GLU A 93 -8.13 -3.79 13.56
CA GLU A 93 -7.33 -3.62 12.36
C GLU A 93 -6.86 -2.19 12.13
N LEU A 94 -7.67 -1.23 12.57
CA LEU A 94 -7.30 0.18 12.43
C LEU A 94 -6.71 0.75 13.72
N GLY A 95 -7.28 0.40 14.86
CA GLY A 95 -6.70 0.82 16.15
C GLY A 95 -7.65 1.47 17.14
N PRO A 96 -7.09 2.25 18.09
CA PRO A 96 -7.88 2.79 19.20
C PRO A 96 -8.86 3.89 18.78
N ALA A 97 -8.43 4.79 17.90
CA ALA A 97 -9.27 5.90 17.44
C ALA A 97 -10.68 5.45 17.03
N LEU A 98 -10.80 4.20 16.60
CA LEU A 98 -12.05 3.63 16.11
C LEU A 98 -13.18 3.47 17.14
N ALA A 99 -12.82 3.35 18.43
CA ALA A 99 -13.84 3.14 19.48
C ALA A 99 -14.90 4.25 19.47
N THR A 100 -14.51 5.42 18.96
CA THR A 100 -15.43 6.56 18.83
C THR A 100 -15.90 6.77 17.38
N VAL A 101 -15.91 5.69 16.59
CA VAL A 101 -16.51 5.70 15.26
C VAL A 101 -17.81 4.91 15.31
N GLU A 102 -18.90 5.58 14.92
CA GLU A 102 -20.25 5.07 15.10
C GLU A 102 -20.53 3.80 14.30
N VAL A 103 -20.66 3.93 12.97
CA VAL A 103 -20.92 2.81 12.03
C VAL A 103 -22.20 2.00 12.34
N THR A 104 -23.35 2.62 12.08
CA THR A 104 -24.67 2.03 12.35
C THR A 104 -25.14 1.14 11.19
N GLU A 105 -26.41 0.74 11.24
CA GLU A 105 -27.06 0.00 10.15
C GLU A 105 -27.21 0.90 8.92
N ASP A 106 -27.35 2.20 9.15
CA ASP A 106 -27.45 3.19 8.07
C ASP A 106 -26.18 3.29 7.24
N ASP A 107 -25.15 2.55 7.62
CA ASP A 107 -23.90 2.56 6.90
C ASP A 107 -23.70 1.27 6.09
N TYR A 108 -24.67 0.35 6.19
CA TYR A 108 -24.72 -0.82 5.33
C TYR A 108 -24.98 -0.39 3.90
N ARG A 109 -24.45 -1.15 2.93
CA ARG A 109 -24.61 -0.83 1.51
C ARG A 109 -25.02 -2.01 0.61
N SER A 110 -24.26 -3.11 0.67
CA SER A 110 -24.55 -4.28 -0.16
C SER A 110 -23.94 -5.57 0.39
N SER A 111 -24.37 -6.69 -0.18
CA SER A 111 -23.91 -8.01 0.24
C SER A 111 -23.74 -8.93 -0.97
N GLN A 112 -22.77 -9.83 -0.89
CA GLN A 112 -22.56 -10.80 -1.95
C GLN A 112 -22.31 -12.22 -1.45
N VAL A 113 -22.82 -13.20 -2.19
CA VAL A 113 -22.55 -14.60 -1.90
C VAL A 113 -21.58 -15.14 -2.95
N ARG A 114 -20.71 -16.05 -2.50
CA ARG A 114 -19.81 -16.78 -3.39
C ARG A 114 -19.72 -18.23 -2.92
N GLU A 115 -19.28 -19.13 -3.81
CA GLU A 115 -18.87 -20.48 -3.43
C GLU A 115 -17.43 -20.71 -3.89
N HIS A 116 -16.83 -19.64 -4.44
CA HIS A 116 -15.51 -19.65 -5.07
C HIS A 116 -14.45 -20.44 -4.29
N PRO A 117 -14.11 -19.94 -3.09
CA PRO A 117 -13.05 -20.55 -2.29
C PRO A 117 -13.52 -21.05 -0.92
N GLN A 118 -14.69 -20.61 -0.46
CA GLN A 118 -15.11 -20.87 0.91
C GLN A 118 -16.63 -21.01 1.12
N LYS A 119 -17.42 -20.55 0.14
CA LYS A 119 -18.88 -20.36 0.31
C LYS A 119 -19.13 -19.33 1.43
N VAL A 121 -20.32 -14.89 2.53
CA VAL A 121 -21.09 -13.66 2.29
C VAL A 121 -20.34 -12.43 2.78
N THR A 122 -20.09 -11.48 1.87
CA THR A 122 -19.37 -10.24 2.22
C THR A 122 -20.29 -9.03 2.21
N HIS A 123 -20.28 -8.30 3.32
CA HIS A 123 -21.09 -7.10 3.47
C HIS A 123 -20.21 -5.85 3.39
N PHE A 124 -20.58 -4.95 2.49
CA PHE A 124 -19.84 -3.71 2.26
C PHE A 124 -20.50 -2.52 2.97
N TYR A 125 -19.68 -1.68 3.60
CA TYR A 125 -20.13 -0.52 4.35
C TYR A 125 -19.41 0.73 3.88
N ILE A 126 -20.13 1.84 3.83
CA ILE A 126 -19.54 3.12 3.48
C ILE A 126 -19.89 4.13 4.58
N LYS A 127 -18.88 4.76 5.16
CA LYS A 127 -19.10 5.81 6.16
C LYS A 127 -18.28 7.05 5.88
N GLU A 128 -18.94 8.20 5.90
CA GLU A 128 -18.26 9.47 5.77
C GLU A 128 -17.87 9.96 7.14
N LEU A 129 -16.61 10.39 7.26
CA LEU A 129 -16.11 11.01 8.48
C LEU A 129 -15.57 12.41 8.15
N LYS A 130 -15.08 13.11 9.18
CA LYS A 130 -14.38 14.36 9.00
C LYS A 130 -12.92 14.06 8.62
N LEU A 131 -12.27 14.96 7.89
CA LEU A 131 -10.87 14.75 7.49
C LEU A 131 -9.95 14.64 8.70
N GLU A 132 -10.19 15.48 9.70
CA GLU A 132 -9.50 15.38 10.99
C GLU A 132 -9.55 13.94 11.53
N GLU A 133 -10.74 13.33 11.46
CA GLU A 133 -10.94 11.98 11.97
C GLU A 133 -10.12 10.94 11.20
N ILE A 134 -10.15 11.04 9.87
CA ILE A 134 -9.36 10.15 9.04
C ILE A 134 -7.87 10.35 9.33
N GLU A 135 -7.45 11.60 9.52
CA GLU A 135 -6.05 11.91 9.80
C GLU A 135 -5.58 11.23 11.09
N ARG A 136 -6.39 11.34 12.15
CA ARG A 136 -6.08 10.74 13.44
C ARG A 136 -6.06 9.21 13.35
N ILE A 137 -6.95 8.65 12.54
CA ILE A 137 -6.99 7.20 12.31
C ILE A 137 -5.67 6.73 11.70
N GLU A 138 -5.24 7.38 10.61
CA GLU A 138 -3.93 7.12 10.02
C GLU A 138 -2.82 7.27 11.06
N ALA A 139 -2.90 8.34 11.86
CA ALA A 139 -1.87 8.67 12.83
C ALA A 139 -1.72 7.61 13.92
N GLU A 140 -2.80 6.93 14.27
CA GLU A 140 -2.76 5.98 15.38
C GLU A 140 -2.82 4.53 14.92
N ALA A 141 -2.98 4.36 13.62
CA ALA A 141 -2.98 3.04 12.97
C ALA A 141 -1.82 2.15 13.39
N VAL A 142 -0.65 2.75 13.64
CA VAL A 142 0.52 2.00 14.03
C VAL A 142 0.36 1.29 15.38
N ASN A 143 -0.68 1.66 16.13
CA ASN A 143 -0.98 1.08 17.44
C ASN A 143 -2.02 -0.03 17.44
N ALA A 144 -2.63 -0.29 16.28
CA ALA A 144 -3.60 -1.37 16.14
C ALA A 144 -2.97 -2.73 16.45
N LYS A 145 -3.70 -3.58 17.17
CA LYS A 145 -3.25 -4.93 17.49
C LYS A 145 -2.69 -5.62 16.24
N ASP A 146 -3.32 -5.35 15.10
CA ASP A 146 -2.96 -6.01 13.85
C ASP A 146 -1.96 -5.27 12.96
N HIS A 147 -1.43 -4.12 13.40
CA HIS A 147 -0.38 -3.45 12.63
C HIS A 147 0.87 -4.32 12.53
N GLY A 148 1.40 -4.46 11.32
CA GLY A 148 2.58 -5.27 11.09
C GLY A 148 2.26 -6.75 11.04
N LEU A 149 0.98 -7.07 11.24
CA LEU A 149 0.51 -8.45 11.24
C LEU A 149 -0.50 -8.64 10.11
N GLU A 150 -1.79 -8.55 10.42
CA GLU A 150 -2.82 -8.64 9.37
C GLU A 150 -2.79 -7.42 8.47
N VAL A 151 -2.44 -6.27 9.05
CA VAL A 151 -2.45 -4.98 8.35
C VAL A 151 -1.01 -4.53 8.14
N MET A 152 -0.60 -4.48 6.87
CA MET A 152 0.77 -4.15 6.52
C MET A 152 1.01 -2.65 6.26
N GLY A 153 -0.08 -1.87 6.29
CA GLY A 153 -0.03 -0.42 6.12
C GLY A 153 -1.28 0.12 5.43
N LEU A 154 -1.71 1.30 5.83
CA LEU A 154 -2.88 1.94 5.26
C LEU A 154 -2.49 2.77 4.04
N ILE A 155 -3.43 2.93 3.09
CA ILE A 155 -3.17 3.74 1.90
C ILE A 155 -4.40 4.56 1.52
N ARG A 156 -4.21 5.60 0.71
CA ARG A 156 -5.32 6.39 0.19
C ARG A 156 -5.49 6.08 -1.28
N VAL A 157 -6.74 6.00 -1.75
CA VAL A 157 -7.02 5.75 -3.16
C VAL A 157 -6.90 7.03 -4.00
N PRO A 158 -5.91 7.10 -4.91
CA PRO A 158 -5.89 8.21 -5.86
C PRO A 158 -7.13 8.20 -6.75
N LEU A 159 -7.96 9.24 -6.64
CA LEU A 159 -9.21 9.34 -7.38
C LEU A 159 -9.04 9.94 -8.79
N TYR A 160 -7.99 10.75 -8.96
CA TYR A 160 -7.71 11.46 -10.20
C TYR A 160 -7.03 10.58 -11.25
N THR A 161 -6.97 11.09 -12.48
CA THR A 161 -6.16 10.53 -13.57
C THR A 161 -5.15 11.58 -14.06
N LEU A 162 -3.88 11.21 -14.14
CA LEU A 162 -2.82 12.14 -14.58
C LEU A 162 -2.84 12.38 -16.09
N ARG A 163 -1.89 13.17 -16.59
CA ARG A 163 -1.87 13.60 -18.01
C ARG A 163 -1.63 12.47 -19.00
N ASP A 164 -0.80 11.51 -18.59
CA ASP A 164 -0.53 10.32 -19.40
C ASP A 164 -1.75 9.38 -19.43
N ARG A 165 -2.83 9.81 -18.78
CA ARG A 165 -4.14 9.11 -18.80
C ARG A 165 -4.11 7.71 -18.22
N VAL A 166 -3.07 7.38 -17.47
CA VAL A 166 -2.91 6.04 -16.87
C VAL A 166 -2.62 6.18 -15.38
N GLY A 167 -1.60 6.98 -15.05
CA GLY A 167 -1.21 7.25 -13.67
C GLY A 167 -2.36 7.77 -12.85
N GLY A 168 -2.37 7.42 -11.55
CA GLY A 168 -3.48 7.72 -10.67
C GLY A 168 -4.40 6.51 -10.57
N LEU A 169 -5.71 6.73 -10.62
CA LEU A 169 -6.71 5.66 -10.45
C LEU A 169 -6.59 4.49 -11.42
N PRO A 170 -6.48 4.75 -12.74
CA PRO A 170 -6.37 3.55 -13.58
C PRO A 170 -5.20 2.68 -13.14
N ALA A 171 -4.01 3.27 -13.00
CA ALA A 171 -2.83 2.51 -12.57
C ALA A 171 -3.07 1.87 -11.21
N PHE A 172 -3.79 2.56 -10.33
CA PHE A 172 -4.16 2.01 -9.04
C PHE A 172 -4.93 0.70 -9.14
N LEU A 173 -5.84 0.63 -10.11
CA LEU A 173 -6.71 -0.53 -10.27
C LEU A 173 -6.01 -1.75 -10.87
N ASN A 175 -3.27 -2.95 -9.43
CA ASN A 175 -2.77 -3.67 -8.27
C ASN A 175 -3.61 -4.91 -7.95
N ASN A 176 -3.19 -5.68 -6.95
CA ASN A 176 -3.82 -6.97 -6.60
C ASN A 176 -4.79 -6.83 -5.44
N PHE A 177 -6.08 -7.01 -5.73
CA PHE A 177 -7.17 -6.85 -4.76
C PHE A 177 -7.71 -8.18 -4.25
N ILE A 178 -8.10 -8.20 -2.98
CA ILE A 178 -8.63 -9.41 -2.34
C ILE A 178 -10.14 -9.58 -2.58
N GLY A 179 -10.61 -10.83 -2.54
CA GLY A 179 -12.03 -11.15 -2.71
C GLY A 179 -12.62 -10.36 -3.86
N ASN A 180 -13.63 -9.55 -3.55
CA ASN A 180 -14.12 -8.59 -4.52
C ASN A 180 -14.16 -7.15 -3.96
N SER A 181 -13.04 -6.75 -3.37
CA SER A 181 -12.88 -5.38 -2.88
C SER A 181 -12.83 -4.36 -4.01
N LYS A 182 -12.25 -4.75 -5.15
CA LYS A 182 -12.14 -3.89 -6.33
C LYS A 182 -13.53 -3.59 -6.88
N SER A 183 -14.37 -4.62 -6.91
CA SER A 183 -15.77 -4.48 -7.29
C SER A 183 -16.43 -3.49 -6.35
N GLN A 184 -16.23 -3.71 -5.05
CA GLN A 184 -16.79 -2.86 -4.01
C GLN A 184 -16.29 -1.42 -4.13
N LEU A 185 -15.01 -1.24 -4.45
CA LEU A 185 -14.46 0.10 -4.65
C LEU A 185 -15.19 0.84 -5.78
N LEU A 186 -15.34 0.17 -6.93
CA LEU A 186 -16.04 0.77 -8.05
C LEU A 186 -17.44 1.23 -7.65
N TYR A 187 -18.17 0.35 -6.95
CA TYR A 187 -19.49 0.65 -6.39
C TYR A 187 -19.45 1.98 -5.62
N ALA A 188 -18.56 2.10 -4.65
CA ALA A 188 -18.39 3.32 -3.88
C ALA A 188 -18.19 4.57 -4.75
N LEU A 189 -17.35 4.45 -5.78
CA LEU A 189 -17.02 5.57 -6.65
C LEU A 189 -18.25 6.13 -7.35
N ARG A 190 -19.07 5.24 -7.93
CA ARG A 190 -20.35 5.64 -8.53
C ARG A 190 -21.31 6.07 -7.44
N SER A 191 -21.30 5.33 -6.33
CA SER A 191 -22.21 5.55 -5.19
C SER A 191 -22.08 6.95 -4.59
N LEU A 192 -20.85 7.43 -4.45
CA LEU A 192 -20.55 8.74 -3.87
C LEU A 192 -20.49 9.86 -4.92
N LYS A 193 -20.93 9.57 -6.13
CA LYS A 193 -20.94 10.53 -7.25
C LYS A 193 -19.55 11.07 -7.57
N LEU A 194 -18.53 10.24 -7.43
CA LEU A 194 -17.17 10.64 -7.75
C LEU A 194 -16.87 10.51 -9.25
N LEU A 195 -17.41 9.46 -9.86
CA LEU A 195 -17.24 9.23 -11.29
C LEU A 195 -18.53 8.62 -11.84
N ARG A 196 -18.91 9.01 -13.05
CA ARG A 196 -20.03 8.38 -13.75
C ARG A 196 -19.59 7.01 -14.27
N GLU A 197 -20.55 6.26 -14.82
CA GLU A 197 -20.28 4.93 -15.35
C GLU A 197 -19.27 4.98 -16.49
N ASP A 198 -19.50 5.90 -17.44
CA ASP A 198 -18.60 6.08 -18.60
C ASP A 198 -17.17 6.44 -18.19
N GLN A 199 -17.01 7.23 -17.13
CA GLN A 199 -15.69 7.53 -16.59
C GLN A 199 -15.09 6.27 -15.99
N ILE A 200 -15.89 5.56 -15.20
CA ILE A 200 -15.51 4.26 -14.61
C ILE A 200 -15.08 3.24 -15.67
N GLN A 201 -15.73 3.28 -16.84
CA GLN A 201 -15.36 2.40 -17.92
C GLN A 201 -14.06 2.87 -18.58
N GLU A 202 -13.90 4.19 -18.71
CA GLU A 202 -12.67 4.77 -19.27
C GLU A 202 -11.43 4.43 -18.43
N VAL A 203 -11.55 4.54 -17.10
CA VAL A 203 -10.42 4.22 -16.23
C VAL A 203 -10.10 2.73 -16.19
N LEU A 204 -11.09 1.88 -16.47
CA LEU A 204 -10.87 0.44 -16.54
C LEU A 204 -10.21 0.04 -17.86
N LYS A 205 -10.71 0.59 -18.97
CA LYS A 205 -10.15 0.33 -20.30
C LYS A 205 -8.68 0.78 -20.38
N ALA A 206 -8.40 1.97 -19.84
CA ALA A 206 -7.03 2.51 -19.76
C ALA A 206 -6.17 1.67 -18.81
N SER A 207 -6.84 1.01 -17.87
CA SER A 207 -6.19 0.13 -16.90
C SER A 207 -6.00 -1.29 -17.45
N HIS A 208 -6.95 -1.75 -18.28
CA HIS A 208 -6.90 -3.08 -18.89
C HIS A 208 -5.60 -3.25 -19.69
N ARG A 209 -5.36 -2.33 -20.62
CA ARG A 209 -4.07 -2.21 -21.28
C ARG A 209 -3.26 -1.11 -20.59
N PRO B 18 16.18 -1.37 -18.88
CA PRO B 18 17.36 -0.68 -18.37
C PRO B 18 18.60 -1.58 -18.33
N ARG B 19 19.72 -0.99 -17.92
CA ARG B 19 21.03 -1.61 -18.06
C ARG B 19 21.92 -1.28 -16.86
N ASN B 20 22.77 -2.23 -16.48
CA ASN B 20 23.74 -2.06 -15.41
C ASN B 20 24.87 -1.10 -15.73
N ILE B 21 25.23 -0.29 -14.73
CA ILE B 21 26.31 0.69 -14.84
C ILE B 21 26.91 0.89 -13.45
N SER B 22 28.23 1.07 -13.37
CA SER B 22 28.85 1.32 -12.06
C SER B 22 28.55 2.74 -11.58
N ARG B 23 28.66 2.97 -10.28
CA ARG B 23 28.46 4.29 -9.69
C ARG B 23 29.36 5.36 -10.33
N GLU B 24 30.66 5.11 -10.28
CA GLU B 24 31.66 6.07 -10.74
C GLU B 24 31.51 6.41 -12.22
N GLU B 25 31.08 5.42 -13.00
CA GLU B 25 30.92 5.58 -14.44
C GLU B 25 29.70 6.44 -14.75
N SER B 26 28.62 6.24 -14.01
CA SER B 26 27.37 6.95 -14.24
C SER B 26 27.46 8.41 -13.81
N LEU B 27 28.33 8.68 -12.84
CA LEU B 27 28.57 10.04 -12.39
C LEU B 27 29.46 10.83 -13.35
N GLN B 28 30.08 10.14 -14.31
CA GLN B 28 30.87 10.81 -15.33
C GLN B 28 30.03 11.21 -16.54
N LEU B 29 28.77 10.78 -16.56
CA LEU B 29 27.88 11.03 -17.70
C LEU B 29 27.43 12.49 -17.73
N GLU B 30 27.16 12.98 -18.94
CA GLU B 30 26.63 14.33 -19.12
C GLU B 30 25.24 14.28 -19.74
N GLY B 31 24.34 15.11 -19.23
CA GLY B 31 22.99 15.23 -19.77
C GLY B 31 22.08 14.07 -19.42
N TYR B 32 22.42 13.37 -18.33
CA TYR B 32 21.56 12.34 -17.77
C TYR B 32 20.89 12.83 -16.51
N LYS B 33 19.68 12.35 -16.28
CA LYS B 33 18.97 12.59 -15.04
C LYS B 33 19.33 11.50 -14.03
N HIS B 34 19.46 11.89 -12.76
CA HIS B 34 19.75 10.93 -11.70
C HIS B 34 18.64 10.87 -10.65
N ALA B 35 18.34 9.66 -10.16
CA ALA B 35 17.42 9.47 -9.03
C ALA B 35 17.95 8.43 -8.04
N CYS B 36 17.67 8.67 -6.76
CA CYS B 36 18.06 7.74 -5.70
C CYS B 36 16.83 7.25 -4.94
N HIS B 37 16.82 5.95 -4.63
CA HIS B 37 15.74 5.35 -3.85
C HIS B 37 16.34 4.31 -2.90
N ALA B 38 15.70 4.15 -1.75
CA ALA B 38 16.29 3.40 -0.66
C ALA B 38 15.30 2.42 -0.05
N LEU B 39 15.80 1.24 0.29
CA LEU B 39 15.06 0.29 1.10
C LEU B 39 15.57 0.32 2.53
N LEU B 40 14.74 0.82 3.43
CA LEU B 40 15.03 0.76 4.85
C LEU B 40 14.41 -0.50 5.40
N HIS B 41 15.16 -1.22 6.22
CA HIS B 41 14.73 -2.51 6.74
C HIS B 41 15.25 -2.75 8.16
N ALA B 42 14.56 -3.60 8.92
CA ALA B 42 15.01 -3.99 10.27
C ALA B 42 14.60 -5.43 10.60
N PRO B 43 15.39 -6.14 11.42
CA PRO B 43 14.99 -7.50 11.82
C PRO B 43 13.78 -7.47 12.77
N SER B 44 12.95 -8.50 12.72
CA SER B 44 11.80 -8.62 13.62
C SER B 44 11.62 -10.04 14.09
N GLN B 45 11.13 -10.19 15.32
CA GLN B 45 10.88 -11.50 15.92
C GLN B 45 9.40 -11.88 15.89
N ALA B 46 8.57 -10.98 15.35
CA ALA B 46 7.12 -11.17 15.27
C ALA B 46 6.73 -12.38 14.43
N LYS B 47 5.63 -13.02 14.83
CA LYS B 47 5.09 -14.16 14.10
C LYS B 47 3.62 -13.93 13.74
N LEU B 48 3.34 -13.88 12.45
CA LEU B 48 1.99 -13.75 11.94
C LEU B 48 1.18 -14.95 12.38
N PHE B 49 0.00 -14.68 12.96
CA PHE B 49 -0.84 -15.72 13.60
C PHE B 49 -0.06 -16.57 14.58
N ASP B 50 1.03 -16.00 15.14
CA ASP B 50 1.94 -16.68 16.08
C ASP B 50 2.68 -17.90 15.51
N ARG B 51 2.52 -18.18 14.22
CA ARG B 51 3.15 -19.35 13.61
C ARG B 51 4.16 -18.98 12.53
N VAL B 52 3.93 -17.86 11.85
CA VAL B 52 4.67 -17.49 10.61
C VAL B 52 5.62 -16.30 10.81
N PRO B 53 6.94 -16.56 10.85
CA PRO B 53 7.90 -15.46 11.09
C PRO B 53 7.86 -14.37 10.03
N ILE B 54 7.70 -13.13 10.50
CA ILE B 54 7.82 -11.92 9.68
C ILE B 54 9.27 -11.78 9.22
N ARG B 55 10.19 -12.16 10.10
CA ARG B 55 11.65 -12.18 9.87
C ARG B 55 12.25 -10.79 9.84
N ARG B 56 11.86 -9.99 8.83
CA ARG B 56 12.42 -8.68 8.64
C ARG B 56 11.34 -7.69 8.17
N VAL B 57 11.47 -6.43 8.57
CA VAL B 57 10.52 -5.38 8.14
C VAL B 57 11.12 -4.58 6.97
N LEU B 58 10.45 -4.58 5.82
CA LEU B 58 10.87 -3.82 4.64
C LEU B 58 9.82 -2.78 4.25
N LEU B 59 10.21 -1.50 4.24
CA LEU B 59 9.29 -0.41 3.91
C LEU B 59 9.24 -0.09 2.41
N MET B 60 8.02 -0.06 1.87
CA MET B 60 7.75 0.58 0.58
C MET B 60 6.57 1.54 0.73
N MET B 61 6.18 2.22 -0.34
CA MET B 61 5.06 3.16 -0.30
C MET B 61 4.10 2.97 -1.46
N MET B 62 2.84 3.35 -1.25
CA MET B 62 1.92 3.62 -2.34
C MET B 62 2.15 5.05 -2.79
N ARG B 63 2.40 5.25 -4.07
CA ARG B 63 2.72 6.58 -4.60
C ARG B 63 1.48 7.26 -5.15
N PHE B 64 1.58 8.56 -5.38
CA PHE B 64 0.52 9.35 -6.01
C PHE B 64 -0.01 8.77 -7.32
N ASP B 65 0.87 8.12 -8.09
CA ASP B 65 0.47 7.59 -9.40
C ASP B 65 -0.24 6.24 -9.32
N GLY B 66 -0.48 5.78 -8.09
CA GLY B 66 -1.18 4.52 -7.85
C GLY B 66 -0.28 3.30 -7.92
N ARG B 67 1.03 3.50 -7.86
CA ARG B 67 1.98 2.37 -7.92
C ARG B 67 2.81 2.26 -6.65
N LEU B 68 3.30 1.05 -6.39
CA LEU B 68 4.27 0.83 -5.32
C LEU B 68 5.66 1.29 -5.78
N GLY B 69 6.46 1.76 -4.82
CA GLY B 69 7.83 2.23 -5.09
C GLY B 69 8.63 2.34 -3.79
N PHE B 70 9.89 2.73 -3.91
CA PHE B 70 10.72 3.00 -2.75
C PHE B 70 10.79 4.51 -2.53
N PRO B 71 11.01 4.96 -1.29
CA PRO B 71 11.20 6.39 -1.09
C PRO B 71 12.50 6.86 -1.73
N GLY B 72 12.47 8.09 -2.22
CA GLY B 72 13.60 8.68 -2.92
C GLY B 72 13.11 9.60 -4.01
N GLY B 73 14.03 10.11 -4.83
CA GLY B 73 13.65 11.01 -5.91
C GLY B 73 14.80 11.49 -6.75
N PHE B 74 14.52 12.50 -7.59
CA PHE B 74 15.53 13.07 -8.47
C PHE B 74 16.60 13.84 -7.71
N VAL B 75 17.83 13.75 -8.19
CA VAL B 75 18.93 14.50 -7.60
C VAL B 75 19.69 15.21 -8.70
N ASP B 76 19.92 16.50 -8.49
CA ASP B 76 20.73 17.29 -9.41
C ASP B 76 22.21 17.19 -9.00
N THR B 77 22.95 16.37 -9.74
CA THR B 77 24.38 16.12 -9.50
C THR B 77 25.27 17.37 -9.56
N ARG B 78 24.78 18.42 -10.21
CA ARG B 78 25.54 19.68 -10.34
C ARG B 78 25.41 20.60 -9.14
N ASP B 79 24.45 20.31 -8.26
CA ASP B 79 24.21 21.13 -7.07
C ASP B 79 24.57 20.36 -5.79
N ILE B 80 24.03 19.16 -5.66
CA ILE B 80 24.23 18.36 -4.45
C ILE B 80 24.63 16.93 -4.79
N SER B 81 25.35 16.29 -3.86
CA SER B 81 25.77 14.91 -4.04
C SER B 81 24.54 14.02 -4.02
N LEU B 82 24.71 12.78 -4.48
CA LEU B 82 23.61 11.81 -4.52
C LEU B 82 23.05 11.53 -3.13
N GLU B 83 23.94 11.51 -2.14
CA GLU B 83 23.61 11.24 -0.76
C GLU B 83 22.81 12.38 -0.14
N GLU B 84 23.21 13.63 -0.39
CA GLU B 84 22.45 14.78 0.12
C GLU B 84 21.05 14.84 -0.49
N GLY B 85 20.96 14.50 -1.77
CA GLY B 85 19.71 14.52 -2.51
C GLY B 85 18.72 13.51 -1.97
N LEU B 86 19.19 12.28 -1.78
CA LEU B 86 18.38 11.21 -1.18
C LEU B 86 17.93 11.64 0.20
N LYS B 87 18.88 12.09 1.02
CA LYS B 87 18.63 12.59 2.36
C LYS B 87 17.45 13.58 2.39
N ARG B 88 17.45 14.56 1.49
CA ARG B 88 16.39 15.58 1.48
C ARG B 88 15.07 14.98 1.01
N GLU B 89 15.17 14.07 0.05
CA GLU B 89 14.00 13.45 -0.53
C GLU B 89 13.35 12.49 0.43
N LEU B 90 14.16 11.85 1.27
CA LEU B 90 13.65 10.91 2.28
C LEU B 90 12.93 11.63 3.42
N GLU B 91 13.40 12.83 3.77
CA GLU B 91 12.75 13.62 4.80
C GLU B 91 11.40 14.09 4.29
N GLU B 92 11.40 14.56 3.06
CA GLU B 92 10.20 15.04 2.39
C GLU B 92 9.10 13.95 2.27
N GLU B 93 9.52 12.74 1.97
CA GLU B 93 8.61 11.63 1.64
C GLU B 93 8.25 10.75 2.84
N LEU B 94 9.18 10.59 3.78
CA LEU B 94 8.96 9.74 4.94
C LEU B 94 8.79 10.53 6.25
N GLY B 95 9.25 11.77 6.28
CA GLY B 95 9.00 12.64 7.43
C GLY B 95 10.16 12.89 8.38
N PRO B 96 9.87 13.51 9.54
CA PRO B 96 10.87 14.07 10.46
C PRO B 96 11.83 13.05 11.09
N ALA B 97 11.39 11.80 11.22
CA ALA B 97 12.20 10.76 11.86
C ALA B 97 13.50 10.47 11.10
N LEU B 98 13.53 10.88 9.83
CA LEU B 98 14.71 10.69 8.97
C LEU B 98 15.85 11.67 9.29
N ALA B 99 15.55 12.70 10.07
CA ALA B 99 16.60 13.60 10.58
C ALA B 99 17.62 12.85 11.44
N THR B 100 17.19 11.76 12.08
CA THR B 100 18.07 10.95 12.94
C THR B 100 18.73 9.80 12.17
N VAL B 101 18.54 9.77 10.85
CA VAL B 101 19.00 8.65 10.03
C VAL B 101 19.90 9.13 8.91
N GLU B 102 21.09 8.56 8.82
CA GLU B 102 22.05 8.94 7.79
C GLU B 102 22.33 7.81 6.83
N VAL B 103 21.85 7.98 5.60
CA VAL B 103 22.10 7.02 4.54
C VAL B 103 23.30 7.55 3.76
N THR B 104 24.43 6.86 3.90
CA THR B 104 25.72 7.32 3.37
C THR B 104 26.15 6.53 2.14
N GLU B 105 27.40 6.72 1.70
CA GLU B 105 27.96 6.02 0.55
C GLU B 105 28.04 4.52 0.76
N ASP B 106 28.25 4.10 2.01
CA ASP B 106 28.32 2.69 2.37
C ASP B 106 26.99 1.94 2.16
N ASP B 107 25.88 2.68 2.15
CA ASP B 107 24.56 2.09 1.91
C ASP B 107 24.20 1.96 0.42
N TYR B 108 24.97 2.63 -0.44
CA TYR B 108 24.78 2.51 -1.90
C TYR B 108 24.94 1.07 -2.36
N ARG B 109 24.06 0.62 -3.27
CA ARG B 109 24.12 -0.75 -3.78
C ARG B 109 24.35 -0.85 -5.29
N SER B 110 23.48 -0.25 -6.09
CA SER B 110 23.59 -0.39 -7.54
C SER B 110 22.97 0.74 -8.35
N SER B 111 23.24 0.71 -9.65
CA SER B 111 22.83 1.75 -10.57
C SER B 111 22.41 1.12 -11.89
N GLN B 112 21.35 1.65 -12.47
CA GLN B 112 20.89 1.21 -13.78
C GLN B 112 20.73 2.45 -14.64
N VAL B 113 21.01 2.32 -15.94
CA VAL B 113 20.92 3.44 -16.88
C VAL B 113 20.00 3.15 -18.07
N ARG B 114 19.26 4.18 -18.49
CA ARG B 114 18.38 4.10 -19.66
C ARG B 114 18.49 5.35 -20.52
N GLU B 115 18.26 5.20 -21.83
CA GLU B 115 18.20 6.35 -22.73
C GLU B 115 16.78 6.65 -23.23
N HIS B 116 16.00 5.60 -23.44
CA HIS B 116 14.60 5.73 -23.83
C HIS B 116 13.72 5.16 -22.74
N PRO B 117 12.64 5.87 -22.36
CA PRO B 117 12.11 7.11 -22.92
C PRO B 117 13.04 8.33 -22.80
N GLN B 118 13.69 8.48 -21.64
CA GLN B 118 14.56 9.63 -21.36
C GLN B 118 15.84 9.20 -20.62
N LYS B 119 16.92 9.94 -20.87
CA LYS B 119 18.22 9.67 -20.26
C LYS B 119 18.15 9.73 -18.72
N VAL B 121 19.40 7.76 -14.94
CA VAL B 121 20.15 6.79 -14.12
C VAL B 121 19.47 6.66 -12.76
N THR B 122 19.21 5.42 -12.33
CA THR B 122 18.60 5.17 -11.02
C THR B 122 19.52 4.44 -10.06
N HIS B 123 19.74 5.06 -8.91
CA HIS B 123 20.59 4.50 -7.88
C HIS B 123 19.73 3.88 -6.79
N PHE B 124 20.20 2.75 -6.26
CA PHE B 124 19.48 2.00 -5.24
C PHE B 124 20.32 1.83 -3.99
N TYR B 125 19.77 2.23 -2.85
CA TYR B 125 20.44 2.14 -1.56
C TYR B 125 19.68 1.17 -0.67
N ILE B 126 20.41 0.46 0.19
CA ILE B 126 19.85 -0.44 1.20
C ILE B 126 20.51 -0.08 2.54
N LYS B 127 19.71 0.11 3.58
CA LYS B 127 20.23 0.42 4.92
C LYS B 127 19.47 -0.29 6.05
N GLU B 128 20.20 -1.04 6.88
CA GLU B 128 19.59 -1.66 8.03
C GLU B 128 19.46 -0.69 9.21
N LEU B 129 18.31 -0.74 9.87
CA LEU B 129 18.04 0.04 11.08
C LEU B 129 17.61 -0.88 12.23
N LYS B 130 17.44 -0.30 13.41
CA LYS B 130 16.87 -1.03 14.56
C LYS B 130 15.36 -1.00 14.43
N LEU B 131 14.70 -2.05 14.90
CA LEU B 131 13.23 -2.15 14.80
C LEU B 131 12.49 -0.91 15.29
N GLU B 132 12.91 -0.35 16.43
CA GLU B 132 12.28 0.88 16.95
C GLU B 132 12.40 2.07 15.99
N GLU B 133 13.46 2.10 15.18
CA GLU B 133 13.63 3.15 14.16
C GLU B 133 12.61 3.04 13.03
N ILE B 134 12.40 1.83 12.51
CA ILE B 134 11.40 1.61 11.48
C ILE B 134 10.01 1.94 12.03
N GLU B 135 9.74 1.51 13.26
CA GLU B 135 8.46 1.76 13.93
C GLU B 135 8.19 3.26 14.10
N ARG B 136 9.22 4.00 14.48
CA ARG B 136 9.11 5.44 14.67
C ARG B 136 8.96 6.19 13.34
N ILE B 137 9.63 5.69 12.31
CA ILE B 137 9.47 6.24 10.96
C ILE B 137 8.02 6.08 10.51
N GLU B 138 7.49 4.87 10.68
CA GLU B 138 6.09 4.58 10.36
C GLU B 138 5.15 5.51 11.12
N ALA B 139 5.41 5.69 12.40
CA ALA B 139 4.56 6.53 13.23
C ALA B 139 4.52 7.97 12.76
N GLU B 140 5.67 8.50 12.35
CA GLU B 140 5.79 9.92 12.04
C GLU B 140 5.61 10.27 10.56
N ALA B 141 5.42 9.25 9.73
CA ALA B 141 5.25 9.43 8.30
C ALA B 141 4.02 10.29 7.96
N VAL B 142 3.03 10.30 8.84
CA VAL B 142 1.84 11.13 8.63
C VAL B 142 2.13 12.64 8.79
N ASN B 143 3.35 12.96 9.21
CA ASN B 143 3.78 14.36 9.34
C ASN B 143 4.65 14.78 8.16
N ALA B 144 5.02 13.82 7.32
CA ALA B 144 5.81 14.11 6.13
C ALA B 144 5.15 15.19 5.29
N LYS B 145 5.97 16.08 4.76
CA LYS B 145 5.52 17.12 3.85
C LYS B 145 4.66 16.51 2.72
N ASP B 146 5.07 15.34 2.23
CA ASP B 146 4.46 14.69 1.07
C ASP B 146 3.32 13.70 1.37
N HIS B 147 2.95 13.53 2.64
CA HIS B 147 1.89 12.59 2.99
C HIS B 147 0.52 13.01 2.44
N GLY B 148 -0.22 12.03 1.92
CA GLY B 148 -1.54 12.28 1.36
C GLY B 148 -1.51 13.04 0.04
N LEU B 149 -0.30 13.29 -0.45
CA LEU B 149 -0.13 13.89 -1.75
C LEU B 149 0.73 12.94 -2.59
N GLU B 150 2.03 13.15 -2.55
CA GLU B 150 2.97 12.44 -3.40
C GLU B 150 3.24 11.04 -2.87
N VAL B 151 3.11 10.90 -1.55
CA VAL B 151 3.14 9.62 -0.85
C VAL B 151 1.76 9.34 -0.25
N MET B 152 1.13 8.26 -0.69
CA MET B 152 -0.22 7.94 -0.27
C MET B 152 -0.28 7.02 0.96
N GLY B 153 0.87 6.50 1.39
CA GLY B 153 0.95 5.67 2.60
C GLY B 153 2.09 4.68 2.57
N LEU B 154 2.62 4.35 3.75
CA LEU B 154 3.70 3.36 3.83
C LEU B 154 3.20 1.92 4.00
N ILE B 155 3.96 0.96 3.48
CA ILE B 155 3.60 -0.46 3.60
C ILE B 155 4.79 -1.36 3.92
N ARG B 156 4.55 -2.52 4.52
CA ARG B 156 5.62 -3.49 4.76
C ARG B 156 5.49 -4.62 3.75
N VAL B 157 6.61 -5.14 3.28
CA VAL B 157 6.64 -6.23 2.32
C VAL B 157 6.53 -7.60 3.03
N PRO B 158 5.45 -8.36 2.77
CA PRO B 158 5.41 -9.70 3.33
C PRO B 158 6.51 -10.57 2.73
N LEU B 159 7.32 -11.18 3.58
CA LEU B 159 8.43 -12.01 3.10
C LEU B 159 8.11 -13.50 2.97
N TYR B 160 6.99 -13.93 3.54
CA TYR B 160 6.64 -15.35 3.68
C TYR B 160 5.69 -15.78 2.57
N THR B 161 5.55 -17.09 2.41
CA THR B 161 4.51 -17.66 1.56
C THR B 161 3.53 -18.44 2.45
N LEU B 162 2.24 -18.18 2.28
CA LEU B 162 1.21 -18.84 3.07
C LEU B 162 0.95 -20.24 2.55
N ARG B 163 0.00 -20.96 3.15
CA ARG B 163 -0.25 -22.36 2.83
C ARG B 163 -0.76 -22.60 1.42
N ASP B 164 -1.58 -21.68 0.92
CA ASP B 164 -2.10 -21.74 -0.46
C ASP B 164 -1.02 -21.54 -1.54
N ARG B 165 0.21 -21.28 -1.09
CA ARG B 165 1.39 -21.10 -1.97
C ARG B 165 1.34 -19.83 -2.82
N VAL B 166 0.45 -18.91 -2.47
CA VAL B 166 0.26 -17.67 -3.23
C VAL B 166 0.31 -16.47 -2.28
N GLY B 167 -0.55 -16.50 -1.26
CA GLY B 167 -0.62 -15.41 -0.29
C GLY B 167 0.75 -15.06 0.24
N GLY B 168 0.98 -13.78 0.47
CA GLY B 168 2.25 -13.29 0.97
C GLY B 168 3.04 -12.69 -0.16
N LEU B 169 4.37 -12.91 -0.15
CA LEU B 169 5.25 -12.36 -1.17
C LEU B 169 4.81 -12.62 -2.62
N PRO B 170 4.45 -13.87 -2.99
CA PRO B 170 4.10 -14.09 -4.40
C PRO B 170 2.99 -13.14 -4.85
N ALA B 171 1.92 -13.04 -4.06
CA ALA B 171 0.78 -12.17 -4.40
C ALA B 171 1.16 -10.69 -4.39
N PHE B 172 2.01 -10.30 -3.44
CA PHE B 172 2.50 -8.93 -3.37
C PHE B 172 3.20 -8.52 -4.67
N LEU B 173 3.94 -9.45 -5.25
CA LEU B 173 4.66 -9.18 -6.49
C LEU B 173 3.75 -8.98 -7.70
N ASN B 175 1.37 -6.81 -7.63
CA ASN B 175 0.97 -5.40 -7.59
C ASN B 175 1.71 -4.58 -8.66
N ASN B 176 1.29 -3.32 -8.82
CA ASN B 176 1.79 -2.47 -9.88
C ASN B 176 2.96 -1.64 -9.38
N PHE B 177 4.16 -1.93 -9.90
CA PHE B 177 5.41 -1.30 -9.44
C PHE B 177 5.98 -0.26 -10.43
N ILE B 178 6.62 0.80 -9.93
CA ILE B 178 7.19 1.85 -10.78
C ILE B 178 8.57 1.48 -11.35
N GLY B 179 8.82 1.83 -12.61
CA GLY B 179 10.10 1.57 -13.28
C GLY B 179 10.60 0.15 -13.01
N ASN B 180 11.83 0.03 -12.52
CA ASN B 180 12.38 -1.26 -12.14
C ASN B 180 12.49 -1.43 -10.62
N SER B 181 11.50 -0.92 -9.91
CA SER B 181 11.44 -1.04 -8.47
C SER B 181 11.24 -2.49 -8.03
N LYS B 182 10.44 -3.24 -8.79
CA LYS B 182 10.27 -4.67 -8.53
C LYS B 182 11.62 -5.40 -8.58
N SER B 183 12.40 -5.09 -9.59
CA SER B 183 13.73 -5.66 -9.76
C SER B 183 14.69 -5.24 -8.64
N GLN B 184 14.61 -3.98 -8.20
CA GLN B 184 15.38 -3.57 -7.03
C GLN B 184 15.01 -4.40 -5.78
N LEU B 185 13.72 -4.69 -5.61
CA LEU B 185 13.27 -5.49 -4.48
C LEU B 185 13.82 -6.90 -4.55
N LEU B 186 13.74 -7.53 -5.72
CA LEU B 186 14.27 -8.87 -5.91
C LEU B 186 15.77 -8.91 -5.63
N TYR B 187 16.47 -7.88 -6.08
CA TYR B 187 17.91 -7.74 -5.78
C TYR B 187 18.13 -7.73 -4.26
N ALA B 188 17.37 -6.92 -3.54
CA ALA B 188 17.48 -6.82 -2.08
C ALA B 188 17.22 -8.15 -1.37
N LEU B 189 16.24 -8.92 -1.85
CA LEU B 189 15.92 -10.23 -1.28
C LEU B 189 17.07 -11.21 -1.39
N ARG B 190 17.67 -11.31 -2.58
CA ARG B 190 18.89 -12.09 -2.78
CA ARG B 190 18.91 -12.06 -2.78
C ARG B 190 20.09 -11.56 -1.99
C ARG B 190 19.97 -11.51 -1.85
N SER B 191 20.30 -10.24 -2.05
CA SER B 191 21.40 -9.56 -1.37
C SER B 191 21.38 -9.74 0.16
N LEU B 192 20.21 -9.64 0.77
CA LEU B 192 20.07 -9.80 2.22
C LEU B 192 19.98 -11.24 2.70
N LYS B 193 20.15 -12.20 1.78
CA LYS B 193 20.15 -13.62 2.13
C LYS B 193 18.79 -14.03 2.69
N LEU B 194 17.74 -13.39 2.17
CA LEU B 194 16.38 -13.67 2.61
C LEU B 194 15.80 -14.85 1.87
N LEU B 195 16.08 -14.94 0.57
CA LEU B 195 15.60 -16.05 -0.25
C LEU B 195 16.66 -16.55 -1.21
N ARG B 196 16.70 -17.87 -1.39
CA ARG B 196 17.58 -18.51 -2.37
C ARG B 196 17.15 -18.17 -3.78
N GLU B 197 18.05 -18.35 -4.74
CA GLU B 197 17.72 -18.14 -6.14
C GLU B 197 16.56 -19.03 -6.60
N ASP B 198 16.51 -20.26 -6.10
CA ASP B 198 15.37 -21.15 -6.37
C ASP B 198 14.05 -20.62 -5.78
N GLN B 199 14.11 -20.09 -4.56
CA GLN B 199 12.93 -19.55 -3.89
C GLN B 199 12.36 -18.32 -4.58
N ILE B 200 13.25 -17.50 -5.14
CA ILE B 200 12.85 -16.32 -5.91
C ILE B 200 12.12 -16.73 -7.18
N GLN B 201 12.66 -17.73 -7.89
CA GLN B 201 12.00 -18.28 -9.06
C GLN B 201 10.66 -18.89 -8.69
N GLU B 202 10.62 -19.56 -7.55
CA GLU B 202 9.39 -20.14 -7.05
C GLU B 202 8.35 -19.05 -6.82
N VAL B 203 8.70 -18.07 -5.99
CA VAL B 203 7.81 -16.95 -5.69
C VAL B 203 7.32 -16.27 -6.99
N LEU B 204 8.20 -16.16 -7.98
CA LEU B 204 7.86 -15.51 -9.25
C LEU B 204 6.90 -16.30 -10.12
N LYS B 205 7.02 -17.62 -10.11
CA LYS B 205 6.14 -18.50 -10.88
C LYS B 205 4.71 -18.37 -10.34
N ALA B 206 4.53 -18.54 -9.03
CA ALA B 206 3.21 -18.46 -8.38
C ALA B 206 2.51 -17.12 -8.59
N SER B 207 3.27 -16.10 -9.01
CA SER B 207 2.73 -14.78 -9.33
C SER B 207 2.08 -14.77 -10.72
N HIS B 208 2.88 -15.07 -11.74
CA HIS B 208 2.41 -15.15 -13.12
C HIS B 208 1.72 -16.50 -13.38
#